data_5LHT
#
_entry.id   5LHT
#
_cell.length_a   117.512
_cell.length_b   117.512
_cell.length_c   127.356
_cell.angle_alpha   90.00
_cell.angle_beta   90.00
_cell.angle_gamma   120.00
#
_symmetry.space_group_name_H-M   'H 3 2'
#
loop_
_entity.id
_entity.type
_entity.pdbx_description
1 polymer 'ATP phosphoribosyltransferase'
2 non-polymer BETA(2-THIENYL)ALANINE
3 non-polymer 'SULFATE ION'
4 non-polymer GLYCEROL
5 water water
#
_entity_poly.entity_id   1
_entity_poly.type   'polypeptide(L)'
_entity_poly.pdbx_seq_one_letter_code
;MAHHHHHHAAMLRVAVPNKGALSEPATEILAEAGYRRRTDSKDLTVIDPVNNVEFFFLRPKDIAIYVGSGELDFGITGRD
LVCDSGAQVRERLALGFGSSSFRYAAPAGRNWTTADLAGMRIATAYPNLVRKDLATKGIEATVIRLDGAVEISVQLGVAD
AIADVVGSGRTLSQHDLVAFGEPLCDSEAVLIERAGTDGQDQTEARDQLVARVQGVVFGQQYLMLDYDCPRSALKKATAI
TPGLESPTIAPLADPDWVAIRALVPRRDVNGIMDELAAIGAKAILASDIRFCRF
;
_entity_poly.pdbx_strand_id   A
#
loop_
_chem_comp.id
_chem_comp.type
_chem_comp.name
_chem_comp.formula
GOL non-polymer GLYCEROL 'C3 H8 O3'
SO4 non-polymer 'SULFATE ION' 'O4 S -2'
#
# COMPACT_ATOMS: atom_id res chain seq x y z
N MET A 11 -21.32 -14.72 -4.60
CA MET A 11 -21.30 -13.64 -3.63
C MET A 11 -19.97 -13.65 -2.84
N LEU A 12 -19.23 -12.55 -2.93
CA LEU A 12 -17.94 -12.41 -2.26
C LEU A 12 -18.07 -11.57 -0.99
N ARG A 13 -17.16 -11.81 -0.05
CA ARG A 13 -17.13 -11.06 1.20
C ARG A 13 -15.73 -10.50 1.40
N VAL A 14 -15.64 -9.20 1.66
CA VAL A 14 -14.39 -8.47 1.70
C VAL A 14 -14.31 -7.67 2.99
N ALA A 15 -13.18 -7.76 3.69
CA ALA A 15 -12.95 -7.08 4.96
C ALA A 15 -12.15 -5.81 4.72
N VAL A 16 -12.65 -4.68 5.24
CA VAL A 16 -12.05 -3.36 5.09
C VAL A 16 -11.75 -2.82 6.49
N PRO A 17 -10.58 -2.20 6.73
CA PRO A 17 -10.33 -1.63 8.06
C PRO A 17 -11.40 -0.58 8.39
N ASN A 18 -11.91 -0.63 9.62
CA ASN A 18 -12.94 0.35 9.99
C ASN A 18 -12.38 1.61 10.66
N LYS A 19 -11.08 1.63 10.97
CA LYS A 19 -10.49 2.72 11.74
C LYS A 19 -9.01 2.78 11.41
N GLY A 20 -8.41 3.95 11.66
CA GLY A 20 -6.97 4.11 11.56
C GLY A 20 -6.49 4.60 10.20
N ALA A 21 -5.16 4.58 10.04
CA ALA A 21 -4.50 5.19 8.88
C ALA A 21 -4.82 4.50 7.57
N LEU A 22 -5.19 3.23 7.59
CA LEU A 22 -5.48 2.47 6.38
C LEU A 22 -6.92 2.58 5.92
N SER A 23 -7.82 3.15 6.74
CA SER A 23 -9.26 3.04 6.48
C SER A 23 -9.73 3.88 5.28
N GLU A 24 -9.35 5.18 5.25
CA GLU A 24 -9.79 6.03 4.14
C GLU A 24 -9.13 5.62 2.81
N PRO A 25 -7.81 5.42 2.72
CA PRO A 25 -7.26 5.00 1.41
C PRO A 25 -7.74 3.64 0.96
N ALA A 26 -8.09 2.72 1.89
CA ALA A 26 -8.69 1.46 1.48
C ALA A 26 -10.07 1.66 0.84
N THR A 27 -10.92 2.52 1.43
CA THR A 27 -12.19 2.83 0.81
CA THR A 27 -12.19 2.80 0.79
C THR A 27 -11.99 3.53 -0.52
N GLU A 28 -11.02 4.44 -0.60
CA GLU A 28 -10.78 5.17 -1.84
C GLU A 28 -10.38 4.23 -2.97
N ILE A 29 -9.52 3.24 -2.69
CA ILE A 29 -9.10 2.35 -3.76
C ILE A 29 -10.24 1.43 -4.17
N LEU A 30 -11.14 1.09 -3.25
CA LEU A 30 -12.27 0.24 -3.65
C LEU A 30 -13.29 1.03 -4.50
N ALA A 31 -13.48 2.31 -4.19
CA ALA A 31 -14.36 3.15 -5.01
C ALA A 31 -13.81 3.33 -6.42
N GLU A 32 -12.49 3.52 -6.56
CA GLU A 32 -11.92 3.72 -7.89
C GLU A 32 -11.98 2.45 -8.71
N ALA A 33 -12.02 1.29 -8.07
CA ALA A 33 -12.27 0.04 -8.77
C ALA A 33 -13.75 -0.16 -9.09
N GLY A 34 -14.62 0.79 -8.73
CA GLY A 34 -16.03 0.72 -9.11
C GLY A 34 -16.97 0.08 -8.12
N TYR A 35 -16.60 -0.08 -6.85
CA TYR A 35 -17.46 -0.71 -5.86
C TYR A 35 -18.21 0.35 -5.03
N ARG A 36 -19.39 -0.03 -4.55
CA ARG A 36 -20.28 0.89 -3.84
C ARG A 36 -19.64 1.37 -2.55
N ARG A 37 -19.58 2.69 -2.36
CA ARG A 37 -18.90 3.26 -1.20
C ARG A 37 -19.82 3.25 0.02
N ARG A 38 -19.20 3.35 1.21
CA ARG A 38 -19.96 3.25 2.45
C ARG A 38 -20.84 4.48 2.65
N THR A 39 -22.12 4.23 2.88
CA THR A 39 -23.12 5.31 3.02
C THR A 39 -22.75 6.27 4.16
N ASP A 40 -22.40 5.73 5.32
CA ASP A 40 -21.93 6.53 6.45
C ASP A 40 -21.18 5.61 7.41
N SER A 41 -20.28 6.22 8.19
CA SER A 41 -19.38 5.46 9.06
C SER A 41 -20.11 4.77 10.21
N LYS A 42 -21.39 5.05 10.41
CA LYS A 42 -22.17 4.40 11.46
C LYS A 42 -22.25 2.89 11.23
N ASP A 43 -22.96 2.46 10.18
CA ASP A 43 -23.17 1.03 9.96
C ASP A 43 -21.88 0.35 9.50
N LEU A 44 -21.86 -0.98 9.61
CA LEU A 44 -20.62 -1.72 9.49
C LEU A 44 -20.63 -2.79 8.41
N THR A 45 -21.70 -2.88 7.60
CA THR A 45 -21.65 -3.62 6.34
C THR A 45 -22.21 -2.76 5.22
N VAL A 46 -21.70 -2.97 4.01
CA VAL A 46 -22.22 -2.36 2.78
C VAL A 46 -22.38 -3.46 1.76
N ILE A 47 -23.60 -3.60 1.21
CA ILE A 47 -23.89 -4.62 0.22
C ILE A 47 -23.89 -3.97 -1.17
N ASP A 48 -23.23 -4.64 -2.12
CA ASP A 48 -23.15 -4.15 -3.50
C ASP A 48 -23.90 -5.14 -4.38
N PRO A 49 -25.21 -4.92 -4.62
CA PRO A 49 -25.98 -5.88 -5.43
C PRO A 49 -25.51 -5.95 -6.87
N VAL A 50 -25.04 -4.82 -7.43
CA VAL A 50 -24.57 -4.80 -8.81
C VAL A 50 -23.39 -5.74 -8.97
N ASN A 51 -22.32 -5.52 -8.20
CA ASN A 51 -21.09 -6.28 -8.34
C ASN A 51 -21.11 -7.61 -7.60
N ASN A 52 -22.12 -7.85 -6.76
CA ASN A 52 -22.31 -9.12 -6.02
C ASN A 52 -21.19 -9.34 -4.99
N VAL A 53 -20.98 -8.31 -4.16
CA VAL A 53 -19.94 -8.28 -3.14
C VAL A 53 -20.53 -7.66 -1.88
N GLU A 54 -20.15 -8.19 -0.71
CA GLU A 54 -20.50 -7.59 0.57
C GLU A 54 -19.22 -7.17 1.31
N PHE A 55 -19.22 -5.93 1.81
CA PHE A 55 -18.07 -5.38 2.51
C PHE A 55 -18.35 -5.30 4.01
N PHE A 56 -17.40 -5.78 4.81
CA PHE A 56 -17.48 -5.77 6.27
C PHE A 56 -16.37 -4.88 6.80
N PHE A 57 -16.71 -3.94 7.68
CA PHE A 57 -15.75 -3.00 8.23
C PHE A 57 -15.33 -3.45 9.63
N LEU A 58 -14.10 -3.98 9.74
CA LEU A 58 -13.64 -4.72 10.92
C LEU A 58 -12.39 -4.09 11.51
N ARG A 59 -12.05 -4.53 12.73
CA ARG A 59 -10.82 -4.10 13.39
C ARG A 59 -9.59 -4.47 12.56
N PRO A 60 -8.67 -3.54 12.30
CA PRO A 60 -7.54 -3.84 11.40
C PRO A 60 -6.69 -5.01 11.86
N LYS A 61 -6.40 -5.12 13.15
CA LYS A 61 -5.57 -6.22 13.65
C LYS A 61 -6.23 -7.59 13.52
N ASP A 62 -7.54 -7.65 13.25
CA ASP A 62 -8.28 -8.90 13.13
C ASP A 62 -8.50 -9.37 11.70
N ILE A 63 -8.28 -8.50 10.70
CA ILE A 63 -8.69 -8.83 9.33
C ILE A 63 -7.98 -10.09 8.82
N ALA A 64 -6.70 -10.27 9.16
CA ALA A 64 -6.00 -11.46 8.65
C ALA A 64 -6.61 -12.76 9.21
N ILE A 65 -7.11 -12.72 10.46
CA ILE A 65 -7.75 -13.91 11.03
C ILE A 65 -9.09 -14.19 10.36
N TYR A 66 -9.86 -13.14 10.03
CA TYR A 66 -11.14 -13.35 9.36
C TYR A 66 -10.95 -13.94 7.95
N VAL A 67 -9.89 -13.54 7.24
CA VAL A 67 -9.64 -14.11 5.93
C VAL A 67 -9.06 -15.51 6.06
N GLY A 68 -8.14 -15.70 7.01
CA GLY A 68 -7.44 -16.98 7.10
C GLY A 68 -8.29 -18.10 7.68
N SER A 69 -9.10 -17.79 8.70
CA SER A 69 -9.89 -18.78 9.43
C SER A 69 -11.40 -18.66 9.20
N GLY A 70 -11.88 -17.53 8.70
CA GLY A 70 -13.29 -17.26 8.56
C GLY A 70 -13.77 -17.47 7.14
N GLU A 71 -14.92 -16.86 6.83
CA GLU A 71 -15.55 -17.01 5.52
C GLU A 71 -15.23 -15.86 4.55
N LEU A 72 -14.33 -14.94 4.91
CA LEU A 72 -14.05 -13.83 4.00
C LEU A 72 -13.11 -14.27 2.87
N ASP A 73 -13.43 -13.89 1.63
CA ASP A 73 -12.55 -14.19 0.49
C ASP A 73 -11.33 -13.26 0.46
N PHE A 74 -11.51 -11.98 0.79
CA PHE A 74 -10.43 -10.99 0.67
C PHE A 74 -10.41 -10.07 1.89
N GLY A 75 -9.28 -9.40 2.07
CA GLY A 75 -9.18 -8.30 3.02
C GLY A 75 -8.07 -7.35 2.64
N ILE A 76 -8.14 -6.14 3.19
CA ILE A 76 -7.07 -5.14 3.06
C ILE A 76 -6.51 -4.88 4.44
N THR A 77 -5.19 -5.06 4.59
CA THR A 77 -4.60 -4.81 5.90
C THR A 77 -3.11 -4.55 5.71
N GLY A 78 -2.43 -4.28 6.83
CA GLY A 78 -0.99 -4.04 6.77
C GLY A 78 -0.20 -5.34 6.69
N ARG A 79 0.94 -5.27 6.02
CA ARG A 79 1.77 -6.47 5.87
C ARG A 79 2.29 -6.97 7.23
N ASP A 80 2.63 -6.04 8.13
CA ASP A 80 3.09 -6.45 9.45
C ASP A 80 2.00 -7.16 10.24
N LEU A 81 0.72 -6.80 10.01
CA LEU A 81 -0.37 -7.46 10.72
C LEU A 81 -0.60 -8.87 10.21
N VAL A 82 -0.34 -9.10 8.92
CA VAL A 82 -0.34 -10.44 8.37
C VAL A 82 0.80 -11.26 8.97
N CYS A 83 2.01 -10.66 9.05
CA CYS A 83 3.13 -11.36 9.68
C CYS A 83 2.81 -11.74 11.13
N ASP A 84 2.19 -10.83 11.90
CA ASP A 84 1.94 -11.10 13.30
C ASP A 84 0.80 -12.09 13.54
N SER A 85 -0.11 -12.25 12.57
CA SER A 85 -1.35 -12.99 12.81
C SER A 85 -1.13 -14.50 12.78
N GLY A 86 -0.12 -14.98 12.06
CA GLY A 86 0.02 -16.41 11.86
C GLY A 86 -0.96 -17.03 10.87
N ALA A 87 -1.80 -16.22 10.22
CA ALA A 87 -2.77 -16.74 9.26
C ALA A 87 -2.10 -17.19 7.97
N GLN A 88 -2.68 -18.20 7.33
CA GLN A 88 -2.18 -18.68 6.04
C GLN A 88 -3.08 -18.12 4.93
N VAL A 89 -2.64 -17.01 4.33
CA VAL A 89 -3.39 -16.29 3.30
C VAL A 89 -2.42 -15.94 2.18
N ARG A 90 -2.96 -15.62 1.00
CA ARG A 90 -2.17 -15.17 -0.14
C ARG A 90 -2.12 -13.65 -0.18
N GLU A 91 -0.93 -13.10 -0.36
CA GLU A 91 -0.77 -11.67 -0.62
C GLU A 91 -0.81 -11.45 -2.14
N ARG A 92 -1.91 -10.87 -2.64
CA ARG A 92 -2.03 -10.72 -4.09
C ARG A 92 -1.47 -9.41 -4.63
N LEU A 93 -1.64 -8.29 -3.92
CA LEU A 93 -1.19 -7.00 -4.42
C LEU A 93 -0.66 -6.14 -3.28
N ALA A 94 0.46 -5.44 -3.53
CA ALA A 94 0.87 -4.31 -2.71
C ALA A 94 0.14 -3.07 -3.21
N LEU A 95 -0.47 -2.31 -2.29
CA LEU A 95 -1.42 -1.28 -2.72
C LEU A 95 -0.82 0.12 -2.86
N GLY A 96 0.39 0.36 -2.39
CA GLY A 96 1.04 1.63 -2.60
C GLY A 96 0.76 2.69 -1.55
N PHE A 97 0.20 2.33 -0.40
CA PHE A 97 0.03 3.28 0.68
C PHE A 97 0.33 2.61 2.02
N GLY A 98 0.41 3.45 3.05
CA GLY A 98 0.52 3.02 4.44
C GLY A 98 1.88 2.50 4.85
N SER A 99 2.89 2.62 4.00
CA SER A 99 4.13 1.92 4.25
C SER A 99 4.99 2.70 5.24
N SER A 100 5.78 1.95 6.00
CA SER A 100 6.61 2.47 7.07
C SER A 100 7.47 1.32 7.57
N SER A 101 8.65 1.65 8.06
CA SER A 101 9.57 0.61 8.52
C SER A 101 9.18 0.12 9.92
N PHE A 102 9.63 -1.09 10.24
CA PHE A 102 9.39 -1.73 11.54
C PHE A 102 10.75 -2.03 12.17
N ARG A 103 11.04 -1.42 13.32
CA ARG A 103 12.39 -1.44 13.89
C ARG A 103 12.39 -1.84 15.36
N TYR A 104 13.49 -2.47 15.79
CA TYR A 104 13.87 -2.44 17.21
C TYR A 104 14.39 -1.05 17.59
N ALA A 105 14.23 -0.69 18.87
CA ALA A 105 14.76 0.58 19.39
C ALA A 105 15.03 0.47 20.90
N ALA A 106 15.98 1.28 21.36
CA ALA A 106 16.41 1.28 22.75
C ALA A 106 16.92 2.68 23.11
N PRO A 107 17.09 2.97 24.41
CA PRO A 107 17.41 4.36 24.82
C PRO A 107 18.68 4.91 24.15
N ALA A 108 18.58 6.15 23.69
CA ALA A 108 19.67 6.81 22.96
C ALA A 108 20.95 6.87 23.79
N GLY A 109 22.07 7.00 23.08
CA GLY A 109 23.38 7.11 23.71
C GLY A 109 23.81 5.87 24.48
N ARG A 110 23.89 4.73 23.79
CA ARG A 110 24.26 3.47 24.43
C ARG A 110 24.84 2.47 23.44
N ASN A 111 24.85 2.83 22.15
CA ASN A 111 25.41 2.01 21.07
C ASN A 111 24.82 0.58 21.11
N TRP A 112 23.52 0.50 20.83
CA TRP A 112 22.81 -0.77 20.90
C TRP A 112 22.97 -1.54 19.59
N THR A 113 23.17 -2.86 19.69
CA THR A 113 23.25 -3.73 18.52
C THR A 113 22.35 -4.95 18.74
N THR A 114 22.06 -5.68 17.65
CA THR A 114 21.08 -6.76 17.70
C THR A 114 21.42 -7.81 18.76
N ALA A 115 22.71 -8.17 18.87
CA ALA A 115 23.09 -9.18 19.85
C ALA A 115 22.91 -8.70 21.30
N ASP A 116 22.74 -7.40 21.53
CA ASP A 116 22.43 -6.95 22.89
C ASP A 116 21.04 -7.40 23.36
N LEU A 117 20.17 -7.84 22.44
CA LEU A 117 18.81 -8.25 22.79
C LEU A 117 18.76 -9.57 23.55
N ALA A 118 19.80 -10.40 23.46
CA ALA A 118 19.75 -11.74 24.05
C ALA A 118 19.46 -11.66 25.56
N GLY A 119 18.44 -12.40 25.99
CA GLY A 119 18.05 -12.42 27.39
C GLY A 119 17.38 -11.16 27.92
N MET A 120 17.09 -10.17 27.07
CA MET A 120 16.44 -8.94 27.50
C MET A 120 14.91 -9.06 27.40
N ARG A 121 14.24 -8.03 27.91
CA ARG A 121 12.78 -7.90 27.83
C ARG A 121 12.42 -6.89 26.73
N ILE A 122 11.63 -7.33 25.75
CA ILE A 122 11.29 -6.54 24.55
C ILE A 122 9.77 -6.39 24.48
N ALA A 123 9.28 -5.15 24.49
CA ALA A 123 7.85 -4.89 24.49
C ALA A 123 7.39 -4.49 23.10
N THR A 124 6.23 -5.02 22.70
CA THR A 124 5.71 -4.83 21.35
C THR A 124 4.23 -5.17 21.31
N ALA A 125 3.53 -4.54 20.38
CA ALA A 125 2.16 -4.94 20.04
C ALA A 125 2.10 -6.07 19.03
N TYR A 126 3.25 -6.57 18.57
CA TYR A 126 3.31 -7.61 17.53
C TYR A 126 4.23 -8.73 18.01
N PRO A 127 3.86 -9.43 19.09
CA PRO A 127 4.78 -10.38 19.71
C PRO A 127 5.12 -11.59 18.85
N ASN A 128 4.18 -12.09 18.03
CA ASN A 128 4.48 -13.24 17.16
C ASN A 128 5.46 -12.86 16.05
N LEU A 129 5.29 -11.68 15.46
CA LEU A 129 6.24 -11.17 14.47
C LEU A 129 7.65 -11.09 15.07
N VAL A 130 7.77 -10.52 16.26
CA VAL A 130 9.09 -10.34 16.89
C VAL A 130 9.71 -11.68 17.29
N ARG A 131 8.93 -12.58 17.91
CA ARG A 131 9.47 -13.89 18.26
C ARG A 131 10.01 -14.65 17.04
N LYS A 132 9.29 -14.61 15.92
CA LYS A 132 9.78 -15.30 14.73
C LYS A 132 11.06 -14.65 14.19
N ASP A 133 11.14 -13.31 14.21
CA ASP A 133 12.33 -12.60 13.76
C ASP A 133 13.55 -12.97 14.60
N LEU A 134 13.41 -12.93 15.94
CA LEU A 134 14.52 -13.30 16.82
C LEU A 134 14.96 -14.73 16.59
N ALA A 135 14.00 -15.64 16.45
CA ALA A 135 14.32 -17.06 16.31
C ALA A 135 15.15 -17.31 15.04
N THR A 136 14.80 -16.63 13.93
CA THR A 136 15.57 -16.78 12.69
C THR A 136 17.00 -16.30 12.87
N LYS A 137 17.20 -15.25 13.65
CA LYS A 137 18.55 -14.77 13.93
C LYS A 137 19.24 -15.55 15.04
N GLY A 138 18.61 -16.60 15.56
CA GLY A 138 19.21 -17.41 16.60
C GLY A 138 19.34 -16.74 17.96
N ILE A 139 18.40 -15.85 18.33
CA ILE A 139 18.46 -15.09 19.58
C ILE A 139 17.23 -15.41 20.42
N GLU A 140 17.45 -15.60 21.72
CA GLU A 140 16.36 -15.83 22.69
C GLU A 140 16.21 -14.61 23.58
N ALA A 141 14.96 -14.21 23.83
CA ALA A 141 14.66 -13.06 24.66
C ALA A 141 13.23 -13.21 25.20
N THR A 142 12.84 -12.32 26.09
CA THR A 142 11.49 -12.34 26.67
C THR A 142 10.64 -11.28 25.97
N VAL A 143 9.68 -11.70 25.14
CA VAL A 143 8.85 -10.78 24.37
C VAL A 143 7.56 -10.52 25.15
N ILE A 144 7.29 -9.26 25.48
CA ILE A 144 6.15 -8.85 26.32
C ILE A 144 5.08 -8.26 25.42
N ARG A 145 3.88 -8.86 25.41
CA ARG A 145 2.78 -8.32 24.62
C ARG A 145 2.18 -7.08 25.28
N LEU A 146 2.09 -5.97 24.54
CA LEU A 146 1.33 -4.80 24.98
C LEU A 146 0.24 -4.45 23.96
N ASP A 147 -0.77 -3.71 24.43
CA ASP A 147 -1.90 -3.39 23.55
C ASP A 147 -1.57 -2.27 22.56
N GLY A 148 -0.76 -1.30 22.96
CA GLY A 148 -0.32 -0.28 22.02
C GLY A 148 0.64 0.68 22.71
N ALA A 149 0.98 1.74 21.98
CA ALA A 149 1.84 2.82 22.49
C ALA A 149 2.97 2.28 23.36
N VAL A 150 3.86 1.51 22.72
CA VAL A 150 4.82 0.77 23.55
C VAL A 150 6.02 1.61 23.97
N GLU A 151 6.22 2.79 23.34
CA GLU A 151 7.47 3.53 23.53
C GLU A 151 7.70 3.94 24.97
N ILE A 152 6.64 4.23 25.72
CA ILE A 152 6.79 4.66 27.11
C ILE A 152 7.18 3.51 28.03
N SER A 153 7.16 2.26 27.55
CA SER A 153 7.38 1.11 28.42
C SER A 153 8.81 0.98 28.94
N VAL A 154 9.79 1.61 28.27
CA VAL A 154 11.16 1.59 28.78
C VAL A 154 11.29 2.51 29.99
N GLN A 155 10.88 3.78 29.82
CA GLN A 155 10.89 4.73 30.95
C GLN A 155 10.16 4.17 32.16
N LEU A 156 9.09 3.41 31.94
CA LEU A 156 8.29 2.89 33.05
C LEU A 156 8.75 1.53 33.57
N GLY A 157 9.83 0.96 33.04
CA GLY A 157 10.43 -0.22 33.63
C GLY A 157 9.85 -1.58 33.23
N VAL A 158 9.01 -1.64 32.21
CA VAL A 158 8.48 -2.94 31.79
C VAL A 158 9.41 -3.66 30.80
N ALA A 159 10.22 -2.93 30.03
CA ALA A 159 11.09 -3.53 29.01
C ALA A 159 12.42 -2.79 28.94
N ASP A 160 13.42 -3.45 28.34
CA ASP A 160 14.73 -2.86 28.05
C ASP A 160 14.78 -2.20 26.67
N ALA A 161 13.96 -2.69 25.75
CA ALA A 161 13.91 -2.24 24.36
C ALA A 161 12.50 -2.51 23.85
N ILE A 162 12.19 -1.94 22.67
CA ILE A 162 10.89 -2.07 22.03
C ILE A 162 11.07 -2.48 20.57
N ALA A 163 9.96 -2.84 19.94
CA ALA A 163 9.89 -3.11 18.50
C ALA A 163 8.55 -2.57 17.99
N ASP A 164 8.60 -1.68 17.00
CA ASP A 164 7.38 -1.01 16.59
C ASP A 164 7.51 -0.44 15.18
N VAL A 165 6.36 -0.17 14.56
CA VAL A 165 6.33 0.66 13.36
C VAL A 165 6.93 2.02 13.70
N VAL A 166 7.88 2.47 12.87
CA VAL A 166 8.46 3.80 13.00
C VAL A 166 8.02 4.59 11.77
N GLY A 167 7.43 5.75 11.99
CA GLY A 167 6.89 6.51 10.87
C GLY A 167 7.98 7.38 10.28
N SER A 168 8.30 8.46 10.99
CA SER A 168 9.47 9.27 10.68
C SER A 168 10.36 9.44 11.89
N GLY A 169 10.12 8.68 12.96
CA GLY A 169 10.88 8.80 14.18
C GLY A 169 10.36 9.80 15.19
N ARG A 170 9.21 10.43 14.92
CA ARG A 170 8.64 11.37 15.89
C ARG A 170 8.45 10.69 17.24
N THR A 171 7.86 9.49 17.24
CA THR A 171 7.57 8.81 18.49
C THR A 171 8.83 8.33 19.19
N LEU A 172 9.82 7.86 18.43
CA LEU A 172 11.10 7.47 19.03
C LEU A 172 11.80 8.68 19.62
N SER A 173 11.86 9.77 18.85
CA SER A 173 12.54 10.97 19.32
C SER A 173 11.88 11.53 20.57
N GLN A 174 10.54 11.61 20.57
CA GLN A 174 9.80 12.16 21.70
C GLN A 174 9.95 11.32 22.97
N HIS A 175 10.53 10.11 22.90
CA HIS A 175 10.82 9.31 24.07
C HIS A 175 12.31 8.97 24.21
N ASP A 176 13.19 9.62 23.43
CA ASP A 176 14.63 9.46 23.53
C ASP A 176 15.08 8.03 23.20
N LEU A 177 14.47 7.46 22.16
CA LEU A 177 14.81 6.13 21.68
C LEU A 177 15.44 6.25 20.30
N VAL A 178 16.33 5.31 19.98
CA VAL A 178 16.96 5.24 18.67
C VAL A 178 16.86 3.82 18.13
N ALA A 179 16.58 3.69 16.84
CA ALA A 179 16.41 2.39 16.21
C ALA A 179 17.75 1.74 15.89
N PHE A 180 17.77 0.40 15.85
CA PHE A 180 18.97 -0.35 15.50
C PHE A 180 18.57 -1.69 14.89
N GLY A 181 19.55 -2.35 14.25
CA GLY A 181 19.33 -3.66 13.67
C GLY A 181 18.66 -3.63 12.30
N GLU A 182 18.61 -4.80 11.67
CA GLU A 182 17.92 -4.94 10.38
C GLU A 182 16.42 -4.72 10.55
N PRO A 183 15.77 -4.04 9.59
CA PRO A 183 14.33 -3.83 9.69
C PRO A 183 13.56 -5.13 9.58
N LEU A 184 12.37 -5.14 10.19
CA LEU A 184 11.47 -6.27 10.16
C LEU A 184 10.37 -6.06 9.10
N CYS A 185 9.42 -6.99 9.06
CA CYS A 185 8.25 -6.93 8.19
C CYS A 185 7.53 -5.58 8.27
N ASP A 186 7.36 -4.90 7.14
CA ASP A 186 6.89 -3.51 7.12
C ASP A 186 5.36 -3.43 7.11
N SER A 187 4.85 -2.20 7.03
CA SER A 187 3.42 -1.95 7.25
C SER A 187 2.67 -1.58 5.98
N GLU A 188 3.26 -1.81 4.80
CA GLU A 188 2.56 -1.46 3.56
C GLU A 188 1.24 -2.18 3.46
N ALA A 189 0.23 -1.48 2.94
CA ALA A 189 -1.08 -2.08 2.74
C ALA A 189 -1.05 -3.10 1.62
N VAL A 190 -1.75 -4.22 1.83
CA VAL A 190 -1.79 -5.32 0.87
C VAL A 190 -3.22 -5.82 0.75
N LEU A 191 -3.55 -6.34 -0.43
CA LEU A 191 -4.77 -7.10 -0.64
C LEU A 191 -4.44 -8.58 -0.40
N ILE A 192 -5.09 -9.19 0.60
CA ILE A 192 -4.86 -10.61 0.90
C ILE A 192 -6.08 -11.41 0.49
N GLU A 193 -5.84 -12.70 0.19
CA GLU A 193 -6.87 -13.62 -0.29
C GLU A 193 -6.80 -14.92 0.51
N ARG A 194 -7.93 -15.57 0.72
CA ARG A 194 -7.89 -16.83 1.45
C ARG A 194 -7.20 -17.89 0.60
N ALA A 195 -6.30 -18.66 1.24
CA ALA A 195 -5.62 -19.76 0.58
C ALA A 195 -6.60 -20.92 0.40
N GLY A 196 -7.07 -21.10 -0.81
CA GLY A 196 -8.07 -22.14 -1.04
C GLY A 196 -8.17 -22.47 -2.50
N THR A 197 -9.20 -23.24 -2.82
CA THR A 197 -9.47 -23.64 -4.20
C THR A 197 -10.97 -23.57 -4.44
N ASP A 198 -11.76 -23.95 -3.42
CA ASP A 198 -13.22 -23.99 -3.48
C ASP A 198 -13.71 -24.72 -4.72
N GLY A 199 -14.19 -23.98 -5.71
CA GLY A 199 -14.68 -24.57 -6.94
C GLY A 199 -14.26 -23.77 -8.16
N GLN A 200 -14.93 -24.02 -9.28
CA GLN A 200 -14.62 -23.28 -10.50
C GLN A 200 -15.36 -21.95 -10.53
N ASP A 201 -16.66 -21.97 -10.26
CA ASP A 201 -17.47 -20.76 -10.29
C ASP A 201 -17.10 -19.75 -9.20
N GLN A 202 -16.18 -20.10 -8.31
CA GLN A 202 -15.68 -19.15 -7.31
C GLN A 202 -14.33 -18.56 -7.68
N THR A 203 -13.48 -19.33 -8.36
CA THR A 203 -12.20 -18.79 -8.82
C THR A 203 -12.39 -17.64 -9.79
N GLU A 204 -13.42 -17.74 -10.65
CA GLU A 204 -13.68 -16.69 -11.63
C GLU A 204 -14.06 -15.38 -10.95
N ALA A 205 -15.03 -15.44 -10.03
CA ALA A 205 -15.45 -14.22 -9.33
C ALA A 205 -14.30 -13.62 -8.54
N ARG A 206 -13.41 -14.45 -8.01
CA ARG A 206 -12.27 -13.94 -7.26
C ARG A 206 -11.31 -13.19 -8.17
N ASP A 207 -10.96 -13.80 -9.31
CA ASP A 207 -10.04 -13.19 -10.27
C ASP A 207 -10.55 -11.83 -10.75
N GLN A 208 -11.87 -11.69 -10.92
CA GLN A 208 -12.45 -10.43 -11.38
C GLN A 208 -12.13 -9.29 -10.42
N LEU A 209 -12.25 -9.54 -9.10
CA LEU A 209 -11.96 -8.50 -8.13
C LEU A 209 -10.47 -8.13 -8.16
N VAL A 210 -9.60 -9.13 -8.20
CA VAL A 210 -8.16 -8.86 -8.21
C VAL A 210 -7.79 -8.03 -9.44
N ALA A 211 -8.39 -8.35 -10.60
CA ALA A 211 -8.10 -7.60 -11.82
C ALA A 211 -8.53 -6.14 -11.70
N ARG A 212 -9.67 -5.89 -11.05
CA ARG A 212 -10.17 -4.52 -10.91
C ARG A 212 -9.34 -3.71 -9.93
N VAL A 213 -9.00 -4.29 -8.77
CA VAL A 213 -8.09 -3.60 -7.86
C VAL A 213 -6.74 -3.38 -8.54
N GLN A 214 -6.27 -4.38 -9.30
CA GLN A 214 -4.99 -4.20 -9.98
C GLN A 214 -5.04 -3.06 -11.00
N GLY A 215 -6.20 -2.85 -11.64
CA GLY A 215 -6.36 -1.71 -12.53
C GLY A 215 -6.11 -0.38 -11.84
N VAL A 216 -6.52 -0.27 -10.58
CA VAL A 216 -6.27 0.97 -9.83
C VAL A 216 -4.80 1.05 -9.41
N VAL A 217 -4.26 -0.04 -8.86
CA VAL A 217 -2.86 -0.07 -8.41
C VAL A 217 -1.92 0.28 -9.57
N PHE A 218 -2.19 -0.26 -10.76
CA PHE A 218 -1.34 0.05 -11.91
C PHE A 218 -1.59 1.47 -12.41
N GLY A 219 -2.87 1.80 -12.70
CA GLY A 219 -3.22 3.11 -13.23
C GLY A 219 -2.71 4.27 -12.38
N GLN A 220 -2.75 4.12 -11.05
CA GLN A 220 -2.41 5.26 -10.20
C GLN A 220 -0.92 5.60 -10.25
N GLN A 221 -0.09 4.81 -10.95
CA GLN A 221 1.32 5.12 -11.14
C GLN A 221 1.60 6.06 -12.33
N TYR A 222 0.59 6.42 -13.14
CA TYR A 222 0.79 7.21 -14.35
C TYR A 222 -0.05 8.47 -14.35
N LEU A 223 0.33 9.41 -15.24
CA LEU A 223 -0.48 10.54 -15.64
C LEU A 223 -0.65 10.51 -17.16
N MET A 224 -1.78 11.05 -17.64
CA MET A 224 -1.97 11.30 -19.07
C MET A 224 -1.43 12.69 -19.41
N LEU A 225 -0.45 12.76 -20.32
CA LEU A 225 -0.01 14.00 -20.92
C LEU A 225 -0.75 14.25 -22.23
N ASP A 226 -1.25 15.48 -22.40
CA ASP A 226 -1.89 15.95 -23.63
CA ASP A 226 -1.87 15.94 -23.64
C ASP A 226 -1.21 17.26 -24.00
N TYR A 227 -0.66 17.36 -25.22
CA TYR A 227 0.00 18.62 -25.58
C TYR A 227 -0.06 18.90 -27.08
N ASP A 228 -0.07 20.20 -27.42
CA ASP A 228 0.03 20.64 -28.82
C ASP A 228 1.50 20.66 -29.24
N CYS A 229 1.78 20.15 -30.44
CA CYS A 229 3.18 20.02 -30.90
C CYS A 229 3.31 20.39 -32.39
N PRO A 230 4.33 21.19 -32.76
CA PRO A 230 4.62 21.40 -34.19
C PRO A 230 5.00 20.10 -34.89
N ARG A 231 4.56 19.93 -36.14
CA ARG A 231 4.91 18.72 -36.86
C ARG A 231 6.42 18.58 -37.03
N SER A 232 7.14 19.71 -37.03
CA SER A 232 8.60 19.66 -37.19
C SER A 232 9.30 19.05 -35.97
N ALA A 233 8.71 19.17 -34.78
CA ALA A 233 9.27 18.56 -33.57
C ALA A 233 8.63 17.21 -33.25
N LEU A 234 7.88 16.62 -34.19
CA LEU A 234 7.10 15.42 -33.90
C LEU A 234 8.00 14.23 -33.60
N LYS A 235 9.04 14.02 -34.42
CA LYS A 235 9.91 12.87 -34.21
C LYS A 235 10.62 12.94 -32.86
N LYS A 236 11.07 14.14 -32.46
CA LYS A 236 11.63 14.29 -31.13
C LYS A 236 10.58 14.01 -30.06
N ALA A 237 9.36 14.53 -30.24
CA ALA A 237 8.31 14.36 -29.24
C ALA A 237 8.01 12.88 -29.00
N THR A 238 7.94 12.10 -30.09
CA THR A 238 7.63 10.69 -29.96
C THR A 238 8.67 9.95 -29.11
N ALA A 239 9.94 10.33 -29.22
CA ALA A 239 10.96 9.67 -28.41
C ALA A 239 10.88 10.11 -26.95
N ILE A 240 10.40 11.32 -26.68
CA ILE A 240 10.30 11.80 -25.30
C ILE A 240 9.11 11.17 -24.58
N THR A 241 7.96 11.03 -25.24
CA THR A 241 6.79 10.38 -24.66
C THR A 241 6.38 9.20 -25.53
N PRO A 242 6.99 8.02 -25.32
CA PRO A 242 6.60 6.85 -26.13
C PRO A 242 5.32 6.18 -25.69
N GLY A 243 4.76 6.54 -24.52
CA GLY A 243 3.49 5.99 -24.09
C GLY A 243 3.58 4.53 -23.68
N LEU A 244 2.43 3.97 -23.30
CA LEU A 244 2.42 2.56 -22.90
C LEU A 244 2.52 1.65 -24.11
N GLU A 245 1.92 2.03 -25.23
CA GLU A 245 2.08 1.30 -26.49
C GLU A 245 2.76 2.18 -27.53
N SER A 246 2.22 3.35 -27.80
CA SER A 246 2.73 4.30 -28.78
C SER A 246 1.88 5.58 -28.66
N PRO A 247 2.47 6.76 -28.79
CA PRO A 247 1.69 8.00 -28.60
C PRO A 247 0.53 8.10 -29.58
N THR A 248 -0.59 8.66 -29.11
CA THR A 248 -1.68 9.02 -30.02
C THR A 248 -1.33 10.33 -30.71
N ILE A 249 -1.59 10.40 -32.03
CA ILE A 249 -1.32 11.61 -32.82
C ILE A 249 -2.57 12.00 -33.60
N ALA A 250 -3.05 13.24 -33.41
CA ALA A 250 -4.23 13.74 -34.12
C ALA A 250 -3.95 15.12 -34.69
N PRO A 251 -4.48 15.44 -35.88
CA PRO A 251 -4.26 16.77 -36.45
C PRO A 251 -4.98 17.86 -35.65
N LEU A 252 -4.38 19.05 -35.66
CA LEU A 252 -5.13 20.25 -35.33
C LEU A 252 -5.74 20.84 -36.60
N ALA A 253 -6.62 21.81 -36.43
CA ALA A 253 -7.11 22.58 -37.58
C ALA A 253 -5.95 23.22 -38.35
N ASP A 254 -5.03 23.88 -37.65
CA ASP A 254 -3.80 24.41 -38.24
C ASP A 254 -2.95 23.26 -38.79
N PRO A 255 -2.70 23.19 -40.10
CA PRO A 255 -2.04 22.00 -40.68
C PRO A 255 -0.57 21.85 -40.32
N ASP A 256 0.07 22.85 -39.71
CA ASP A 256 1.45 22.71 -39.27
C ASP A 256 1.59 22.10 -37.87
N TRP A 257 0.48 21.65 -37.25
CA TRP A 257 0.47 21.25 -35.83
C TRP A 257 -0.32 19.96 -35.62
N VAL A 258 -0.01 19.25 -34.53
CA VAL A 258 -0.75 18.08 -34.06
C VAL A 258 -0.93 18.15 -32.55
N ALA A 259 -1.84 17.32 -32.02
CA ALA A 259 -1.93 17.07 -30.60
C ALA A 259 -1.51 15.62 -30.29
N ILE A 260 -0.77 15.45 -29.20
CA ILE A 260 -0.18 14.17 -28.83
C ILE A 260 -0.70 13.79 -27.44
N ARG A 261 -1.06 12.51 -27.27
CA ARG A 261 -1.52 11.96 -25.99
C ARG A 261 -0.67 10.75 -25.62
N ALA A 262 -0.14 10.72 -24.39
CA ALA A 262 0.65 9.56 -23.98
C ALA A 262 0.67 9.43 -22.47
N LEU A 263 0.58 8.18 -21.98
CA LEU A 263 0.77 7.95 -20.55
C LEU A 263 2.25 8.09 -20.19
N VAL A 264 2.52 8.71 -19.03
CA VAL A 264 3.87 8.85 -18.49
C VAL A 264 3.86 8.54 -16.98
N PRO A 265 4.88 7.88 -16.46
CA PRO A 265 4.94 7.66 -15.00
C PRO A 265 4.96 8.97 -14.22
N ARG A 266 4.18 9.01 -13.12
CA ARG A 266 4.13 10.22 -12.29
C ARG A 266 5.52 10.68 -11.88
N ARG A 267 6.41 9.74 -11.52
CA ARG A 267 7.74 10.10 -11.03
C ARG A 267 8.62 10.71 -12.11
N ASP A 268 8.25 10.60 -13.38
CA ASP A 268 9.06 11.15 -14.46
C ASP A 268 8.52 12.47 -15.01
N VAL A 269 7.36 12.95 -14.53
CA VAL A 269 6.56 13.89 -15.32
C VAL A 269 7.28 15.23 -15.50
N ASN A 270 7.97 15.72 -14.46
CA ASN A 270 8.50 17.08 -14.53
C ASN A 270 9.74 17.16 -15.42
N GLY A 271 10.60 16.14 -15.36
CA GLY A 271 11.66 16.02 -16.35
C GLY A 271 11.13 15.96 -17.77
N ILE A 272 10.06 15.17 -18.00
CA ILE A 272 9.50 15.01 -19.34
C ILE A 272 9.01 16.36 -19.90
N MET A 273 8.24 17.10 -19.10
CA MET A 273 7.66 18.36 -19.55
C MET A 273 8.73 19.39 -19.91
N ASP A 274 9.81 19.45 -19.13
CA ASP A 274 10.91 20.35 -19.47
C ASP A 274 11.48 20.04 -20.84
N GLU A 275 11.66 18.75 -21.15
CA GLU A 275 12.14 18.37 -22.46
C GLU A 275 11.17 18.77 -23.56
N LEU A 276 9.86 18.62 -23.33
CA LEU A 276 8.89 18.96 -24.38
C LEU A 276 8.86 20.46 -24.65
N ALA A 277 8.91 21.28 -23.59
CA ALA A 277 8.91 22.73 -23.81
C ALA A 277 10.09 23.16 -24.68
N ALA A 278 11.27 22.57 -24.44
CA ALA A 278 12.50 22.94 -25.14
C ALA A 278 12.49 22.58 -26.62
N ILE A 279 11.55 21.77 -27.10
CA ILE A 279 11.47 21.45 -28.52
C ILE A 279 10.25 22.08 -29.19
N GLY A 280 9.50 22.93 -28.46
CA GLY A 280 8.40 23.66 -29.05
C GLY A 280 7.02 23.29 -28.58
N ALA A 281 6.85 22.33 -27.67
CA ALA A 281 5.51 21.91 -27.28
C ALA A 281 4.80 23.00 -26.48
N LYS A 282 3.48 23.13 -26.68
CA LYS A 282 2.70 24.17 -26.00
C LYS A 282 1.46 23.58 -25.33
N ALA A 283 0.96 24.27 -24.30
CA ALA A 283 -0.23 23.86 -23.56
C ALA A 283 -0.14 22.41 -23.07
N ILE A 284 0.89 22.15 -22.27
CA ILE A 284 1.15 20.80 -21.79
C ILE A 284 0.20 20.51 -20.62
N LEU A 285 -0.73 19.59 -20.83
CA LEU A 285 -1.71 19.22 -19.81
C LEU A 285 -1.30 17.90 -19.16
N ALA A 286 -1.58 17.77 -17.86
CA ALA A 286 -1.38 16.52 -17.14
C ALA A 286 -2.58 16.25 -16.25
N SER A 287 -3.07 15.01 -16.27
CA SER A 287 -4.24 14.66 -15.47
C SER A 287 -4.07 13.26 -14.89
N ASP A 288 -4.67 13.07 -13.70
CA ASP A 288 -4.61 11.82 -12.96
C ASP A 288 -5.25 10.66 -13.74
N ILE A 289 -4.65 9.48 -13.58
CA ILE A 289 -5.26 8.24 -14.04
C ILE A 289 -5.72 7.48 -12.81
N ARG A 290 -6.99 7.05 -12.81
CA ARG A 290 -7.49 6.31 -11.67
C ARG A 290 -7.71 4.82 -11.97
N PHE A 291 -7.74 4.42 -13.24
CA PHE A 291 -7.92 3.02 -13.61
C PHE A 291 -7.28 2.74 -14.97
N CYS A 292 -6.49 1.67 -15.07
CA CYS A 292 -5.95 1.24 -16.36
C CYS A 292 -5.74 -0.27 -16.35
N ARG A 293 -6.48 -0.99 -17.20
CA ARG A 293 -6.26 -2.41 -17.45
C ARG A 293 -5.25 -2.58 -18.58
N PHE A 294 -4.01 -2.93 -18.24
CA PHE A 294 -2.94 -3.02 -19.24
C PHE A 294 -3.22 -4.17 -20.22
N TIH B . -5.83 21.39 -29.55
CA TIH B . -6.70 21.95 -28.53
C TIH B . -6.16 23.29 -28.08
O TIH B . -6.99 23.97 -27.23
OXT TIH B . -5.08 23.83 -28.38
CB TIH B . -6.89 21.07 -27.24
CG TIH B . -5.60 20.67 -26.63
CD TIH B . -5.01 19.42 -26.82
CE1 TIH B . -3.77 19.34 -26.11
CE2 TIH B . -3.49 20.49 -25.41
SD TIH B . -4.68 21.66 -25.62
S SO4 C . 1.53 -13.72 24.42
O1 SO4 C . 0.32 -13.06 24.90
O2 SO4 C . 2.47 -13.85 25.55
O3 SO4 C . 1.22 -15.02 23.84
O4 SO4 C . 2.11 -12.90 23.37
S SO4 D . 6.01 9.07 13.49
O1 SO4 D . 5.44 9.49 14.77
O2 SO4 D . 6.99 8.02 13.71
O3 SO4 D . 4.95 8.61 12.59
O4 SO4 D . 6.66 10.22 12.85
S SO4 E . 10.18 8.93 35.94
O1 SO4 E . 9.16 9.03 37.00
O2 SO4 E . 11.40 9.60 36.40
O3 SO4 E . 9.67 9.57 34.72
O4 SO4 E . 10.48 7.53 35.66
S SO4 F . 1.89 6.59 2.73
O1 SO4 F . 1.87 7.80 3.54
O2 SO4 F . 2.71 5.59 3.41
O3 SO4 F . 0.51 6.12 2.57
O4 SO4 F . 2.45 6.86 1.40
C1 GOL G . 22.99 -2.70 13.20
O1 GOL G . 23.07 -1.80 14.28
C2 GOL G . 22.83 -4.07 13.84
O2 GOL G . 23.62 -4.03 14.98
C3 GOL G . 23.28 -5.21 12.95
O3 GOL G . 23.54 -6.32 13.79
#